data_3GWY
#
_entry.id   3GWY
#
_cell.length_a   62.138
_cell.length_b   62.275
_cell.length_c   59.777
_cell.angle_alpha   90.00
_cell.angle_beta   90.00
_cell.angle_gamma   90.00
#
_symmetry.space_group_name_H-M   'P 21 21 2'
#
loop_
_entity.id
_entity.type
_entity.pdbx_description
1 polymer 'Putative CTP pyrophosphohydrolase'
2 water water
#
_entity_poly.entity_id   1
_entity_poly.type   'polypeptide(L)'
_entity_poly.pdbx_seq_one_letter_code
;MSLKSIEVVAAVIRLGEKYLCVQRGQTKFSYTSFRYEFPGGKVEEGESLQEALQREIMEEMDYVIEVGEKLLTVHHTYPD
FEITMHAFLCHPVGQRYVLKEHIAAQWLSTREMAILDWAEADKPIVRKISEQEGHHHHHH
;
_entity_poly.pdbx_strand_id   A,B
#
# COMPACT_ATOMS: atom_id res chain seq x y z
N SER A 2 -8.20 -6.84 -0.97
CA SER A 2 -6.77 -6.54 -0.62
C SER A 2 -6.67 -5.40 0.39
N LEU A 3 -5.85 -4.40 0.07
CA LEU A 3 -5.57 -3.28 0.98
C LEU A 3 -6.79 -2.39 1.17
N LYS A 4 -7.18 -2.24 2.44
CA LYS A 4 -8.28 -1.36 2.86
C LYS A 4 -7.96 0.12 2.64
N SER A 5 -6.71 0.51 2.86
CA SER A 5 -6.28 1.87 2.57
C SER A 5 -4.78 1.91 2.37
N ILE A 6 -4.33 2.93 1.62
CA ILE A 6 -2.92 3.28 1.51
C ILE A 6 -2.80 4.72 1.98
N GLU A 7 -1.98 4.91 3.01
CA GLU A 7 -1.68 6.25 3.52
C GLU A 7 -0.23 6.55 3.22
N VAL A 8 -0.01 7.68 2.56
CA VAL A 8 1.32 8.15 2.22
C VAL A 8 1.54 9.45 2.99
N VAL A 9 2.77 9.63 3.48
CA VAL A 9 3.16 10.86 4.18
C VAL A 9 4.29 11.60 3.46
N ALA A 10 4.24 12.92 3.46
CA ALA A 10 5.31 13.74 2.86
C ALA A 10 5.77 14.80 3.83
N ALA A 11 7.09 15.00 3.90
CA ALA A 11 7.71 16.02 4.74
C ALA A 11 8.10 17.24 3.93
N VAL A 12 7.61 18.39 4.36
CA VAL A 12 7.98 19.66 3.77
C VAL A 12 8.92 20.33 4.75
N ILE A 13 10.22 20.16 4.50
CA ILE A 13 11.24 20.57 5.44
C ILE A 13 11.79 21.93 5.02
N ARG A 14 11.63 22.92 5.89
CA ARG A 14 12.06 24.29 5.59
C ARG A 14 13.24 24.75 6.43
N LEU A 15 14.19 25.41 5.76
CA LEU A 15 15.21 26.22 6.40
C LEU A 15 15.37 27.50 5.59
N GLY A 16 15.09 28.64 6.23
CA GLY A 16 15.11 29.94 5.55
C GLY A 16 13.98 30.04 4.55
N GLU A 17 14.30 30.46 3.33
CA GLU A 17 13.32 30.47 2.25
C GLU A 17 13.36 29.17 1.43
N LYS A 18 14.15 28.19 1.90
CA LYS A 18 14.45 27.00 1.12
C LYS A 18 13.84 25.71 1.65
N TYR A 19 13.44 24.84 0.72
CA TYR A 19 12.76 23.59 1.05
C TYR A 19 13.58 22.41 0.55
N LEU A 20 13.66 21.35 1.35
CA LEU A 20 14.39 20.15 0.91
C LEU A 20 13.63 19.34 -0.15
N CYS A 21 14.17 19.36 -1.37
CA CYS A 21 13.55 18.70 -2.52
C CYS A 21 14.45 17.59 -2.99
N VAL A 22 13.90 16.40 -3.18
CA VAL A 22 14.73 15.25 -3.56
C VAL A 22 14.45 14.76 -4.99
N GLN A 23 15.49 14.26 -5.65
CA GLN A 23 15.35 13.68 -6.98
C GLN A 23 15.84 12.24 -6.95
N ARG A 24 14.91 11.29 -6.89
CA ARG A 24 15.26 9.88 -6.70
C ARG A 24 14.92 9.01 -7.91
N PHE A 34 14.46 11.42 -14.23
CA PHE A 34 13.68 11.32 -13.00
C PHE A 34 13.14 12.67 -12.53
N ARG A 35 12.06 12.61 -11.75
CA ARG A 35 11.38 13.82 -11.31
C ARG A 35 11.77 14.23 -9.88
N TYR A 36 11.31 15.40 -9.45
CA TYR A 36 11.54 15.87 -8.09
C TYR A 36 10.37 15.45 -7.21
N GLU A 37 10.64 15.25 -5.93
CA GLU A 37 9.59 14.94 -4.95
C GLU A 37 9.99 15.42 -3.56
N PHE A 38 9.02 15.42 -2.65
CA PHE A 38 9.28 15.64 -1.22
C PHE A 38 9.57 14.31 -0.54
N PRO A 39 10.48 14.30 0.45
CA PRO A 39 10.76 13.03 1.08
C PRO A 39 9.60 12.54 1.96
N GLY A 40 9.46 11.23 2.06
CA GLY A 40 8.38 10.61 2.81
C GLY A 40 8.25 9.16 2.42
N GLY A 41 7.04 8.61 2.54
CA GLY A 41 6.83 7.18 2.30
C GLY A 41 5.49 6.71 2.82
N LYS A 42 5.34 5.40 2.93
CA LYS A 42 4.05 4.82 3.29
C LYS A 42 3.94 4.60 4.80
N VAL A 43 2.72 4.71 5.31
CA VAL A 43 2.47 4.44 6.71
C VAL A 43 2.27 2.94 6.89
N GLU A 44 2.98 2.36 7.86
CA GLU A 44 2.83 0.97 8.25
CA GLU A 44 2.76 0.97 8.17
C GLU A 44 1.63 0.85 9.18
N GLU A 45 0.96 -0.31 9.17
CA GLU A 45 -0.18 -0.58 10.03
CA GLU A 45 -0.17 -0.56 10.03
C GLU A 45 0.23 -0.56 11.50
N GLY A 46 -0.40 0.32 12.28
CA GLY A 46 -0.10 0.46 13.71
C GLY A 46 0.63 1.75 14.06
N GLU A 47 1.01 2.52 13.04
CA GLU A 47 1.71 3.80 13.20
C GLU A 47 0.75 4.95 12.99
N SER A 48 0.96 6.04 13.72
CA SER A 48 0.32 7.30 13.39
C SER A 48 1.06 7.90 12.19
N LEU A 49 0.44 8.90 11.55
CA LEU A 49 0.99 9.58 10.37
C LEU A 49 2.31 10.31 10.66
N GLN A 50 2.38 10.97 11.81
CA GLN A 50 3.61 11.67 12.27
C GLN A 50 4.77 10.72 12.58
N GLU A 51 4.49 9.63 13.29
CA GLU A 51 5.58 8.67 13.57
C GLU A 51 6.03 7.88 12.33
N ALA A 52 5.11 7.66 11.39
CA ALA A 52 5.44 7.13 10.05
C ALA A 52 6.39 8.05 9.29
N LEU A 53 6.16 9.36 9.38
CA LEU A 53 6.98 10.32 8.67
C LEU A 53 8.36 10.48 9.29
N GLN A 54 8.43 10.52 10.63
CA GLN A 54 9.70 10.63 11.35
C GLN A 54 10.60 9.41 11.13
N ARG A 55 10.00 8.22 11.14
CA ARG A 55 10.71 6.99 10.79
C ARG A 55 11.18 6.99 9.33
N GLU A 56 10.29 7.37 8.41
CA GLU A 56 10.62 7.38 6.99
C GLU A 56 11.80 8.28 6.64
N ILE A 57 11.87 9.45 7.30
CA ILE A 57 12.94 10.41 7.07
C ILE A 57 14.26 9.94 7.70
N MET A 58 14.19 9.36 8.90
CA MET A 58 15.35 8.71 9.54
C MET A 58 15.92 7.56 8.71
N GLU A 59 15.04 6.68 8.23
CA GLU A 59 15.45 5.53 7.41
C GLU A 59 16.12 5.91 6.10
N GLU A 60 15.52 6.82 5.35
CA GLU A 60 16.07 7.15 4.04
C GLU A 60 17.18 8.20 4.07
N MET A 61 17.21 9.05 5.09
CA MET A 61 18.10 10.22 5.08
C MET A 61 18.92 10.45 6.36
N ASP A 62 18.77 9.58 7.37
CA ASP A 62 19.38 9.78 8.71
C ASP A 62 19.09 11.15 9.35
N TYR A 63 17.97 11.76 8.97
CA TYR A 63 17.68 13.16 9.28
C TYR A 63 16.62 13.22 10.37
N VAL A 64 17.01 13.79 11.52
CA VAL A 64 16.11 13.90 12.66
C VAL A 64 15.27 15.16 12.51
N ILE A 65 13.97 14.96 12.39
CA ILE A 65 13.01 16.06 12.22
C ILE A 65 11.90 16.05 13.29
N GLU A 66 11.30 17.21 13.54
CA GLU A 66 10.04 17.29 14.28
C GLU A 66 8.93 17.58 13.29
N VAL A 67 7.87 16.78 13.36
CA VAL A 67 6.71 16.97 12.51
C VAL A 67 5.84 18.09 13.08
N GLY A 68 5.50 19.07 12.25
CA GLY A 68 4.66 20.19 12.68
C GLY A 68 3.25 20.09 12.13
N GLU A 69 2.71 21.22 11.69
CA GLU A 69 1.32 21.29 11.21
C GLU A 69 1.11 20.66 9.83
N LYS A 70 -0.04 20.03 9.69
CA LYS A 70 -0.44 19.42 8.42
CA LYS A 70 -0.44 19.42 8.44
C LYS A 70 -0.79 20.50 7.41
N LEU A 71 -0.12 20.46 6.26
CA LEU A 71 -0.32 21.42 5.19
C LEU A 71 -1.53 21.15 4.33
N LEU A 72 -1.71 19.89 3.92
CA LEU A 72 -2.84 19.48 3.06
C LEU A 72 -3.01 17.96 3.09
N THR A 73 -4.20 17.50 2.68
CA THR A 73 -4.48 16.09 2.50
C THR A 73 -4.92 15.89 1.05
N VAL A 74 -4.24 15.02 0.32
CA VAL A 74 -4.66 14.73 -1.03
C VAL A 74 -5.48 13.45 -1.00
N HIS A 75 -6.78 13.59 -1.28
CA HIS A 75 -7.67 12.45 -1.41
C HIS A 75 -7.80 12.05 -2.85
N HIS A 76 -8.18 10.79 -3.05
CA HIS A 76 -8.37 10.23 -4.39
C HIS A 76 -9.69 9.49 -4.46
N THR A 77 -10.21 9.33 -5.67
CA THR A 77 -11.47 8.64 -5.89
C THR A 77 -11.27 7.38 -6.75
N TYR A 78 -10.08 6.80 -6.70
CA TYR A 78 -9.76 5.61 -7.46
C TYR A 78 -10.67 4.47 -7.01
N PRO A 79 -11.27 3.74 -7.97
CA PRO A 79 -12.26 2.72 -7.66
C PRO A 79 -11.70 1.52 -6.88
N ASP A 80 -10.47 1.11 -7.16
CA ASP A 80 -9.93 -0.15 -6.61
C ASP A 80 -9.20 -0.03 -5.29
N PHE A 81 -8.53 1.10 -5.08
CA PHE A 81 -7.80 1.35 -3.84
C PHE A 81 -8.11 2.74 -3.29
N GLU A 82 -8.25 2.83 -1.97
CA GLU A 82 -8.36 4.09 -1.27
C GLU A 82 -6.97 4.60 -0.91
N ILE A 83 -6.57 5.69 -1.54
CA ILE A 83 -5.22 6.23 -1.37
C ILE A 83 -5.31 7.68 -0.91
N THR A 84 -4.61 7.98 0.17
CA THR A 84 -4.60 9.32 0.73
C THR A 84 -3.18 9.74 1.07
N MET A 85 -2.82 10.95 0.65
CA MET A 85 -1.51 11.53 0.94
C MET A 85 -1.64 12.69 1.95
N HIS A 86 -0.73 12.75 2.91
CA HIS A 86 -0.77 13.71 4.02
C HIS A 86 0.55 14.46 4.07
N ALA A 87 0.52 15.75 3.80
CA ALA A 87 1.74 16.56 3.82
C ALA A 87 1.84 17.37 5.10
N PHE A 88 3.02 17.34 5.71
CA PHE A 88 3.26 18.05 6.96
C PHE A 88 4.42 19.01 6.83
N LEU A 89 4.25 20.20 7.38
CA LEU A 89 5.36 21.11 7.57
C LEU A 89 6.24 20.50 8.64
N CYS A 90 7.53 20.38 8.36
CA CYS A 90 8.46 19.74 9.30
C CYS A 90 9.60 20.68 9.62
N HIS A 91 10.07 20.61 10.86
CA HIS A 91 11.19 21.42 11.30
C HIS A 91 12.33 20.50 11.72
N PRO A 92 13.54 20.72 11.17
CA PRO A 92 14.68 19.85 11.45
C PRO A 92 15.22 20.04 12.85
N VAL A 93 15.66 18.94 13.47
CA VAL A 93 16.28 18.98 14.78
C VAL A 93 17.79 18.76 14.59
N GLY A 94 18.14 17.69 13.88
CA GLY A 94 19.53 17.42 13.53
C GLY A 94 20.07 18.38 12.48
N GLN A 95 21.37 18.29 12.25
CA GLN A 95 21.99 19.15 11.25
C GLN A 95 22.74 18.31 10.24
N ARG A 96 22.28 17.08 10.09
CA ARG A 96 22.98 16.04 9.35
C ARG A 96 21.95 15.29 8.55
N TYR A 97 22.19 15.17 7.25
CA TYR A 97 21.39 14.27 6.42
C TYR A 97 22.25 13.49 5.45
N VAL A 98 21.83 12.25 5.18
CA VAL A 98 22.65 11.34 4.42
C VAL A 98 21.95 11.06 3.10
N LEU A 99 22.74 11.05 2.02
CA LEU A 99 22.21 10.65 0.74
C LEU A 99 22.79 9.27 0.38
N LYS A 100 22.02 8.22 0.68
CA LYS A 100 22.33 6.84 0.28
C LYS A 100 22.20 6.80 -1.23
N GLU A 101 23.24 6.32 -1.89
CA GLU A 101 23.66 6.82 -3.21
C GLU A 101 22.68 7.03 -4.38
N HIS A 102 23.12 7.96 -5.24
CA HIS A 102 22.33 8.46 -6.38
CA HIS A 102 22.36 8.64 -6.30
C HIS A 102 20.89 8.92 -6.06
N ILE A 103 20.69 9.52 -4.88
CA ILE A 103 19.47 10.23 -4.55
C ILE A 103 20.01 11.62 -4.23
N ALA A 104 19.81 12.56 -5.15
CA ALA A 104 20.28 13.94 -4.97
C ALA A 104 19.23 14.82 -4.30
N ALA A 105 19.68 15.71 -3.42
CA ALA A 105 18.77 16.60 -2.70
C ALA A 105 19.20 18.05 -2.81
N GLN A 106 18.24 18.94 -3.01
CA GLN A 106 18.50 20.37 -3.07
C GLN A 106 17.65 21.18 -2.12
N TRP A 107 18.22 22.26 -1.63
CA TRP A 107 17.48 23.28 -0.92
C TRP A 107 17.09 24.39 -1.90
N LEU A 108 15.79 24.50 -2.14
CA LEU A 108 15.28 25.40 -3.18
C LEU A 108 14.17 26.29 -2.66
N SER A 109 14.14 27.51 -3.18
CA SER A 109 13.07 28.45 -2.92
C SER A 109 11.90 28.10 -3.84
N THR A 110 10.72 28.66 -3.58
CA THR A 110 9.52 28.38 -4.37
C THR A 110 9.67 28.67 -5.87
N ARG A 111 10.36 29.77 -6.22
CA ARG A 111 10.52 30.15 -7.62
CA ARG A 111 10.54 30.17 -7.62
C ARG A 111 11.56 29.28 -8.34
N GLU A 112 12.44 28.66 -7.57
CA GLU A 112 13.33 27.65 -8.11
C GLU A 112 12.53 26.37 -8.36
N MET A 113 11.58 26.08 -7.46
CA MET A 113 10.74 24.86 -7.50
C MET A 113 9.76 24.83 -8.67
N ALA A 114 9.34 26.01 -9.14
CA ALA A 114 8.34 26.10 -10.20
C ALA A 114 8.84 25.77 -11.61
N ILE A 115 10.16 25.81 -11.83
CA ILE A 115 10.73 25.48 -13.14
C ILE A 115 10.99 23.97 -13.30
N LEU A 116 10.64 23.20 -12.27
CA LEU A 116 11.08 21.82 -12.14
C LEU A 116 10.02 20.78 -12.48
N ASP A 117 10.49 19.63 -12.98
CA ASP A 117 9.62 18.46 -13.21
C ASP A 117 9.35 17.78 -11.88
N TRP A 118 8.15 17.98 -11.35
CA TRP A 118 7.73 17.39 -10.08
C TRP A 118 6.88 16.14 -10.31
N ALA A 119 6.99 15.18 -9.41
CA ALA A 119 6.12 14.00 -9.42
C ALA A 119 4.69 14.45 -9.22
N GLU A 120 3.74 13.70 -9.80
CA GLU A 120 2.32 14.08 -9.84
C GLU A 120 1.70 14.19 -8.45
N ALA A 121 2.09 13.27 -7.57
CA ALA A 121 1.65 13.26 -6.18
C ALA A 121 2.07 14.49 -5.38
N ASP A 122 3.16 15.11 -5.79
CA ASP A 122 3.77 16.23 -5.05
C ASP A 122 3.35 17.60 -5.56
N LYS A 123 2.78 17.65 -6.76
CA LYS A 123 2.34 18.91 -7.38
CA LYS A 123 2.34 18.91 -7.39
C LYS A 123 1.39 19.75 -6.51
N PRO A 124 0.35 19.12 -5.87
CA PRO A 124 -0.46 19.92 -4.95
C PRO A 124 0.30 20.58 -3.79
N ILE A 125 1.33 19.92 -3.28
CA ILE A 125 2.18 20.51 -2.25
C ILE A 125 2.97 21.71 -2.79
N VAL A 126 3.54 21.58 -3.99
CA VAL A 126 4.31 22.66 -4.64
C VAL A 126 3.42 23.87 -4.92
N ARG A 127 2.22 23.59 -5.44
CA ARG A 127 1.17 24.56 -5.69
C ARG A 127 0.79 25.30 -4.39
N LYS A 128 0.64 24.56 -3.30
CA LYS A 128 0.27 25.12 -1.98
C LYS A 128 1.37 25.96 -1.33
N ILE A 129 2.60 25.44 -1.33
CA ILE A 129 3.79 26.17 -0.86
C ILE A 129 3.91 27.58 -1.47
N SER A 130 3.46 27.75 -2.71
CA SER A 130 3.35 29.08 -3.31
C SER A 130 2.24 29.96 -2.68
N GLU A 131 1.05 29.38 -2.50
CA GLU A 131 -0.08 30.12 -1.91
C GLU A 131 -0.12 29.99 -0.38
N SER B 2 10.59 6.07 1.39
CA SER B 2 10.40 4.99 0.40
C SER B 2 9.67 5.48 -0.85
N LEU B 3 9.73 4.68 -1.92
CA LEU B 3 9.06 5.00 -3.19
C LEU B 3 7.55 4.89 -3.01
N LYS B 4 6.81 5.66 -3.81
CA LYS B 4 5.35 5.54 -3.83
C LYS B 4 4.90 4.44 -4.80
N SER B 5 5.21 3.21 -4.44
CA SER B 5 4.89 2.03 -5.24
C SER B 5 4.74 0.81 -4.36
N ILE B 6 3.66 0.06 -4.52
CA ILE B 6 3.39 -1.09 -3.67
C ILE B 6 3.10 -2.38 -4.47
N GLU B 7 3.62 -3.50 -3.97
CA GLU B 7 3.29 -4.81 -4.54
C GLU B 7 2.44 -5.61 -3.55
N VAL B 8 1.31 -6.11 -4.07
CA VAL B 8 0.32 -6.86 -3.29
C VAL B 8 0.28 -8.30 -3.82
N VAL B 9 0.20 -9.27 -2.92
CA VAL B 9 -0.01 -10.67 -3.28
C VAL B 9 -1.35 -11.19 -2.75
N ALA B 10 -1.96 -12.11 -3.48
CA ALA B 10 -3.23 -12.71 -3.07
C ALA B 10 -3.15 -14.21 -3.31
N ALA B 11 -3.65 -14.98 -2.33
CA ALA B 11 -3.66 -16.44 -2.40
C ALA B 11 -5.04 -16.95 -2.78
N VAL B 12 -5.08 -17.74 -3.85
CA VAL B 12 -6.27 -18.46 -4.24
C VAL B 12 -6.07 -19.90 -3.79
N ILE B 13 -6.59 -20.20 -2.61
CA ILE B 13 -6.40 -21.48 -1.97
C ILE B 13 -7.53 -22.41 -2.41
N ARG B 14 -7.16 -23.49 -3.09
CA ARG B 14 -8.11 -24.44 -3.67
CA ARG B 14 -8.11 -24.45 -3.68
C ARG B 14 -8.09 -25.77 -2.94
N LEU B 15 -9.27 -26.30 -2.65
CA LEU B 15 -9.44 -27.65 -2.13
C LEU B 15 -10.58 -28.29 -2.89
N GLY B 16 -10.26 -29.26 -3.75
CA GLY B 16 -11.24 -29.87 -4.63
C GLY B 16 -11.59 -28.89 -5.72
N GLU B 17 -12.86 -28.47 -5.74
CA GLU B 17 -13.32 -27.39 -6.62
C GLU B 17 -13.83 -26.19 -5.83
N LYS B 18 -13.47 -26.12 -4.54
CA LYS B 18 -13.83 -25.01 -3.67
C LYS B 18 -12.62 -24.11 -3.48
N TYR B 19 -12.88 -22.82 -3.28
CA TYR B 19 -11.80 -21.85 -3.00
C TYR B 19 -12.06 -21.10 -1.70
N LEU B 20 -11.00 -20.77 -0.98
CA LEU B 20 -11.15 -20.04 0.27
C LEU B 20 -11.37 -18.54 0.04
N CYS B 21 -12.53 -18.06 0.46
CA CYS B 21 -12.92 -16.68 0.32
C CYS B 21 -13.03 -16.06 1.70
N VAL B 22 -12.38 -14.92 1.94
CA VAL B 22 -12.37 -14.32 3.29
C VAL B 22 -13.06 -12.95 3.39
N GLN B 23 -13.52 -12.62 4.59
CA GLN B 23 -14.17 -11.35 4.84
C GLN B 23 -13.52 -10.76 6.08
N ARG B 24 -12.65 -9.77 5.87
CA ARG B 24 -11.73 -9.31 6.91
C ARG B 24 -12.13 -8.01 7.57
N GLY B 25 -13.05 -8.09 8.54
CA GLY B 25 -13.41 -6.93 9.35
C GLY B 25 -14.89 -6.84 9.65
N GLN B 26 -15.22 -5.91 10.56
CA GLN B 26 -16.59 -5.59 10.96
C GLN B 26 -16.78 -4.09 10.76
N THR B 27 -17.89 -3.69 10.15
CA THR B 27 -18.24 -2.28 10.06
C THR B 27 -18.96 -1.80 11.33
N LYS B 28 -19.21 -0.50 11.38
CA LYS B 28 -19.92 0.10 12.52
C LYS B 28 -21.41 -0.23 12.49
N PHE B 29 -21.96 -0.39 11.28
CA PHE B 29 -23.40 -0.51 11.08
C PHE B 29 -23.86 -1.97 11.08
N SER B 30 -25.10 -2.18 11.53
CA SER B 30 -25.67 -3.51 11.57
C SER B 30 -26.29 -3.92 10.22
N TYR B 31 -26.22 -3.00 9.24
CA TYR B 31 -26.77 -3.21 7.91
C TYR B 31 -25.70 -3.12 6.82
N THR B 32 -24.45 -2.91 7.23
CA THR B 32 -23.31 -2.99 6.29
C THR B 32 -22.30 -4.04 6.75
N SER B 33 -21.46 -4.49 5.81
CA SER B 33 -20.42 -5.48 6.10
C SER B 33 -19.29 -5.37 5.10
N PHE B 34 -18.13 -5.90 5.46
CA PHE B 34 -17.01 -5.96 4.54
C PHE B 34 -17.33 -6.88 3.36
N ARG B 35 -16.83 -6.54 2.18
CA ARG B 35 -16.88 -7.43 1.01
C ARG B 35 -15.88 -8.58 1.13
N TYR B 36 -16.02 -9.57 0.25
CA TYR B 36 -15.13 -10.70 0.26
C TYR B 36 -13.87 -10.41 -0.55
N GLU B 37 -12.83 -11.20 -0.28
CA GLU B 37 -11.51 -11.00 -0.86
C GLU B 37 -10.70 -12.27 -0.71
N PHE B 38 -9.55 -12.31 -1.37
CA PHE B 38 -8.65 -13.46 -1.23
C PHE B 38 -7.61 -13.09 -0.20
N PRO B 39 -7.17 -14.05 0.62
CA PRO B 39 -6.21 -13.68 1.64
C PRO B 39 -4.84 -13.32 1.03
N GLY B 40 -4.13 -12.42 1.72
CA GLY B 40 -2.85 -11.93 1.25
C GLY B 40 -2.55 -10.59 1.88
N GLY B 41 -1.55 -9.90 1.33
CA GLY B 41 -1.12 -8.60 1.81
C GLY B 41 -0.01 -8.02 0.96
N LYS B 42 0.79 -7.14 1.55
CA LYS B 42 1.89 -6.45 0.87
C LYS B 42 3.13 -7.32 0.79
N VAL B 43 3.90 -7.11 -0.27
CA VAL B 43 5.24 -7.65 -0.35
C VAL B 43 6.23 -6.67 0.27
N GLU B 44 6.90 -7.10 1.35
CA GLU B 44 7.92 -6.29 2.00
C GLU B 44 9.24 -6.40 1.24
N GLU B 45 10.16 -5.46 1.48
CA GLU B 45 11.43 -5.41 0.74
C GLU B 45 12.37 -6.56 1.09
N GLY B 46 12.97 -7.15 0.06
CA GLY B 46 13.88 -8.29 0.22
C GLY B 46 13.17 -9.64 0.19
N GLU B 47 11.85 -9.61 0.02
CA GLU B 47 11.02 -10.81 -0.10
C GLU B 47 10.69 -11.07 -1.56
N SER B 48 10.62 -12.34 -1.93
CA SER B 48 10.01 -12.73 -3.21
C SER B 48 8.49 -12.72 -3.05
N LEU B 49 7.77 -12.76 -4.17
CA LEU B 49 6.30 -12.70 -4.16
C LEU B 49 5.65 -13.90 -3.45
N GLN B 50 6.24 -15.08 -3.66
CA GLN B 50 5.77 -16.32 -3.08
C GLN B 50 6.00 -16.41 -1.56
N GLU B 51 7.18 -15.96 -1.12
CA GLU B 51 7.51 -16.00 0.32
C GLU B 51 6.77 -14.95 1.14
N ALA B 52 6.41 -13.85 0.49
CA ALA B 52 5.59 -12.80 1.10
C ALA B 52 4.16 -13.32 1.29
N LEU B 53 3.68 -14.07 0.31
CA LEU B 53 2.35 -14.67 0.36
C LEU B 53 2.27 -15.70 1.48
N GLN B 54 3.21 -16.65 1.46
CA GLN B 54 3.31 -17.70 2.49
C GLN B 54 3.36 -17.13 3.91
N ARG B 55 4.19 -16.10 4.11
CA ARG B 55 4.26 -15.39 5.40
C ARG B 55 2.93 -14.75 5.79
N GLU B 56 2.30 -14.06 4.85
CA GLU B 56 1.06 -13.33 5.13
C GLU B 56 -0.10 -14.26 5.51
N ILE B 57 -0.17 -15.41 4.85
CA ILE B 57 -1.19 -16.43 5.15
C ILE B 57 -0.94 -17.04 6.55
N MET B 58 0.33 -17.30 6.86
CA MET B 58 0.74 -17.80 8.17
C MET B 58 0.49 -16.83 9.33
N GLU B 59 0.59 -15.52 9.07
CA GLU B 59 0.43 -14.53 10.15
C GLU B 59 -1.03 -14.16 10.43
N GLU B 60 -1.87 -14.09 9.38
CA GLU B 60 -3.29 -13.82 9.56
C GLU B 60 -4.12 -15.07 9.89
N MET B 61 -3.72 -16.24 9.41
CA MET B 61 -4.59 -17.42 9.50
C MET B 61 -3.97 -18.66 10.17
N ASP B 62 -2.70 -18.58 10.56
CA ASP B 62 -1.92 -19.73 11.04
C ASP B 62 -1.94 -20.92 10.06
N TYR B 63 -1.89 -20.60 8.77
CA TYR B 63 -2.17 -21.57 7.72
C TYR B 63 -0.94 -21.86 6.88
N VAL B 64 -0.45 -23.09 6.97
CA VAL B 64 0.70 -23.52 6.17
C VAL B 64 0.23 -23.80 4.75
N ILE B 65 0.79 -23.04 3.81
CA ILE B 65 0.36 -23.11 2.43
C ILE B 65 1.55 -23.32 1.48
N GLU B 66 1.29 -23.93 0.32
CA GLU B 66 2.27 -23.99 -0.77
C GLU B 66 1.83 -23.04 -1.87
N VAL B 67 2.70 -22.11 -2.23
CA VAL B 67 2.42 -21.19 -3.31
C VAL B 67 2.78 -21.86 -4.63
N GLY B 68 1.80 -21.98 -5.53
CA GLY B 68 2.03 -22.58 -6.84
C GLY B 68 2.10 -21.52 -7.93
N GLU B 69 1.42 -21.79 -9.05
CA GLU B 69 1.52 -20.97 -10.24
C GLU B 69 0.82 -19.61 -10.12
N LYS B 70 1.41 -18.59 -10.76
CA LYS B 70 0.75 -17.29 -10.88
C LYS B 70 -0.48 -17.41 -11.77
N LEU B 71 -1.62 -16.94 -11.25
CA LEU B 71 -2.87 -16.97 -11.99
C LEU B 71 -3.04 -15.72 -12.82
N LEU B 72 -2.69 -14.58 -12.25
CA LEU B 72 -2.80 -13.29 -12.92
C LEU B 72 -2.00 -12.17 -12.24
N THR B 73 -1.80 -11.10 -12.99
CA THR B 73 -1.20 -9.87 -12.49
C THR B 73 -2.17 -8.74 -12.83
N VAL B 74 -2.50 -7.93 -11.84
CA VAL B 74 -3.32 -6.74 -12.09
C VAL B 74 -2.45 -5.53 -11.81
N HIS B 75 -2.29 -4.69 -12.82
CA HIS B 75 -1.52 -3.45 -12.74
C HIS B 75 -2.47 -2.26 -12.73
N HIS B 76 -2.16 -1.28 -11.91
CA HIS B 76 -2.89 -0.01 -11.89
C HIS B 76 -1.91 1.12 -12.25
N THR B 77 -2.37 2.05 -13.08
CA THR B 77 -1.52 3.16 -13.53
C THR B 77 -2.05 4.50 -13.03
N TYR B 78 -2.32 4.58 -11.73
CA TYR B 78 -2.75 5.83 -11.13
C TYR B 78 -1.60 6.83 -11.14
N PRO B 79 -1.89 8.12 -11.42
CA PRO B 79 -0.87 9.18 -11.47
C PRO B 79 -0.07 9.32 -10.19
N ASP B 80 -0.75 9.20 -9.05
CA ASP B 80 -0.15 9.50 -7.75
C ASP B 80 0.44 8.31 -7.01
N PHE B 81 0.07 7.10 -7.41
CA PHE B 81 0.54 5.89 -6.73
C PHE B 81 0.54 4.64 -7.62
N GLU B 82 1.58 3.81 -7.49
CA GLU B 82 1.73 2.58 -8.26
C GLU B 82 1.35 1.34 -7.44
N ILE B 83 0.40 0.55 -7.93
CA ILE B 83 -0.01 -0.70 -7.27
C ILE B 83 -0.01 -1.87 -8.25
N THR B 84 0.66 -2.96 -7.87
CA THR B 84 0.60 -4.20 -8.63
C THR B 84 0.08 -5.32 -7.74
N MET B 85 -0.94 -6.04 -8.24
CA MET B 85 -1.49 -7.19 -7.54
C MET B 85 -1.08 -8.48 -8.25
N HIS B 86 -0.59 -9.46 -7.49
CA HIS B 86 -0.22 -10.75 -8.02
C HIS B 86 -1.05 -11.83 -7.36
N ALA B 87 -1.89 -12.53 -8.13
CA ALA B 87 -2.66 -13.66 -7.58
C ALA B 87 -2.03 -14.99 -7.97
N PHE B 88 -1.81 -15.84 -6.95
CA PHE B 88 -1.17 -17.16 -7.09
C PHE B 88 -2.12 -18.26 -6.64
N LEU B 89 -2.14 -19.37 -7.38
CA LEU B 89 -2.91 -20.54 -6.96
CA LEU B 89 -2.92 -20.52 -6.94
C LEU B 89 -2.14 -21.24 -5.86
N CYS B 90 -2.83 -21.55 -4.75
CA CYS B 90 -2.19 -22.12 -3.59
C CYS B 90 -2.86 -23.41 -3.13
N HIS B 91 -2.06 -24.26 -2.50
CA HIS B 91 -2.50 -25.58 -2.06
C HIS B 91 -2.16 -25.73 -0.57
N PRO B 92 -3.17 -26.10 0.25
CA PRO B 92 -2.90 -26.25 1.68
C PRO B 92 -1.97 -27.40 2.00
N VAL B 93 -1.04 -27.17 2.93
CA VAL B 93 -0.22 -28.25 3.49
C VAL B 93 -0.84 -28.61 4.83
N GLY B 94 -1.00 -27.59 5.67
CA GLY B 94 -1.62 -27.73 6.99
C GLY B 94 -3.11 -27.96 6.87
N GLN B 95 -3.68 -28.55 7.92
CA GLN B 95 -5.09 -28.94 7.92
CA GLN B 95 -5.10 -28.91 7.88
C GLN B 95 -5.95 -28.13 8.88
N ARG B 96 -5.37 -27.09 9.45
CA ARG B 96 -6.14 -26.17 10.26
C ARG B 96 -5.77 -24.69 10.03
N TYR B 97 -6.78 -23.84 9.95
CA TYR B 97 -6.59 -22.41 9.98
C TYR B 97 -7.37 -21.79 11.13
N VAL B 98 -6.89 -20.64 11.58
CA VAL B 98 -7.49 -19.90 12.69
C VAL B 98 -7.91 -18.51 12.20
N LEU B 99 -9.19 -18.20 12.37
CA LEU B 99 -9.74 -16.89 12.06
C LEU B 99 -9.84 -16.04 13.32
N LYS B 100 -9.22 -14.87 13.31
CA LYS B 100 -9.23 -13.95 14.45
C LYS B 100 -10.57 -13.22 14.56
N GLU B 101 -10.64 -12.27 15.49
CA GLU B 101 -11.85 -11.46 15.71
C GLU B 101 -12.31 -10.75 14.43
N HIS B 102 -13.60 -10.88 14.15
CA HIS B 102 -14.28 -10.22 13.03
C HIS B 102 -13.85 -10.67 11.62
N ILE B 103 -13.25 -11.86 11.55
CA ILE B 103 -12.85 -12.47 10.28
CA ILE B 103 -12.88 -12.45 10.27
C ILE B 103 -13.71 -13.71 10.00
N ALA B 104 -14.34 -13.74 8.82
CA ALA B 104 -15.11 -14.89 8.35
C ALA B 104 -14.49 -15.47 7.07
N ALA B 105 -14.63 -16.79 6.89
CA ALA B 105 -14.13 -17.45 5.68
C ALA B 105 -15.04 -18.60 5.24
N GLN B 106 -15.22 -18.75 3.93
CA GLN B 106 -16.04 -19.82 3.38
C GLN B 106 -15.31 -20.53 2.24
N TRP B 107 -15.55 -21.82 2.12
CA TRP B 107 -15.06 -22.60 0.99
C TRP B 107 -16.17 -22.66 -0.03
N LEU B 108 -15.94 -22.02 -1.18
CA LEU B 108 -17.00 -21.83 -2.17
C LEU B 108 -16.63 -22.26 -3.58
N SER B 109 -17.60 -22.82 -4.30
CA SER B 109 -17.47 -23.05 -5.74
C SER B 109 -17.50 -21.72 -6.49
N THR B 110 -17.06 -21.71 -7.74
CA THR B 110 -17.13 -20.50 -8.60
C THR B 110 -18.56 -19.97 -8.79
N ARG B 111 -19.53 -20.88 -8.83
CA ARG B 111 -20.96 -20.54 -8.93
C ARG B 111 -21.46 -19.86 -7.65
N GLU B 112 -21.06 -20.39 -6.50
CA GLU B 112 -21.41 -19.80 -5.20
C GLU B 112 -20.66 -18.49 -4.97
N MET B 113 -19.45 -18.39 -5.51
CA MET B 113 -18.65 -17.15 -5.46
C MET B 113 -19.35 -15.98 -6.17
N ALA B 114 -20.22 -16.29 -7.13
CA ALA B 114 -20.98 -15.27 -7.86
C ALA B 114 -22.09 -14.63 -7.01
N ILE B 115 -22.44 -15.30 -5.92
CA ILE B 115 -23.46 -14.85 -4.97
C ILE B 115 -22.92 -13.70 -4.09
N LEU B 116 -21.62 -13.71 -3.81
CA LEU B 116 -21.01 -12.75 -2.88
C LEU B 116 -20.75 -11.39 -3.50
N ASP B 117 -20.48 -10.42 -2.61
CA ASP B 117 -19.95 -9.11 -2.96
C ASP B 117 -18.44 -9.13 -2.75
N TRP B 118 -17.72 -8.87 -3.84
CA TRP B 118 -16.26 -8.95 -3.83
C TRP B 118 -15.64 -7.56 -3.82
N ALA B 119 -14.51 -7.41 -3.12
CA ALA B 119 -13.76 -6.15 -3.13
C ALA B 119 -13.39 -5.82 -4.58
N GLU B 120 -13.52 -4.54 -4.95
CA GLU B 120 -13.28 -4.10 -6.33
C GLU B 120 -11.93 -4.56 -6.89
N ALA B 121 -10.92 -4.56 -6.05
CA ALA B 121 -9.56 -4.96 -6.44
C ALA B 121 -9.43 -6.47 -6.71
N ASP B 122 -10.32 -7.27 -6.10
CA ASP B 122 -10.29 -8.73 -6.17
C ASP B 122 -11.15 -9.27 -7.32
N LYS B 123 -12.07 -8.45 -7.82
CA LYS B 123 -12.94 -8.81 -8.95
C LYS B 123 -12.27 -9.34 -10.23
N PRO B 124 -11.13 -8.76 -10.69
CA PRO B 124 -10.42 -9.43 -11.79
C PRO B 124 -9.99 -10.88 -11.49
N ILE B 125 -9.62 -11.17 -10.24
CA ILE B 125 -9.22 -12.52 -9.83
C ILE B 125 -10.39 -13.51 -9.91
N VAL B 126 -11.54 -13.08 -9.40
CA VAL B 126 -12.77 -13.87 -9.43
C VAL B 126 -13.18 -14.22 -10.86
N ARG B 127 -13.10 -13.23 -11.74
CA ARG B 127 -13.45 -13.41 -13.14
C ARG B 127 -12.52 -14.42 -13.81
N LYS B 128 -11.22 -14.37 -13.49
CA LYS B 128 -10.24 -15.33 -14.01
C LYS B 128 -10.53 -16.77 -13.58
N ILE B 129 -10.83 -16.94 -12.29
CA ILE B 129 -11.19 -18.25 -11.73
CA ILE B 129 -11.19 -18.24 -11.72
C ILE B 129 -12.49 -18.78 -12.35
N SER B 130 -13.45 -17.89 -12.54
CA SER B 130 -14.74 -18.25 -13.13
C SER B 130 -14.70 -18.55 -14.63
N GLU B 131 -13.79 -17.90 -15.37
CA GLU B 131 -13.70 -18.11 -16.83
C GLU B 131 -13.11 -19.47 -17.22
N GLN B 132 -12.38 -20.10 -16.30
CA GLN B 132 -11.62 -21.31 -16.61
C GLN B 132 -12.38 -22.62 -16.39
N GLU B 133 -13.36 -22.61 -15.49
CA GLU B 133 -14.26 -23.75 -15.33
C GLU B 133 -15.67 -23.46 -15.81
N GLY B 134 -16.23 -22.33 -15.35
CA GLY B 134 -17.59 -21.93 -15.74
C GLY B 134 -17.61 -21.16 -17.04
#